data_1H01
#
_entry.id   1H01
#
_cell.length_a   53.131
_cell.length_b   70.698
_cell.length_c   72.483
_cell.angle_alpha   90.00
_cell.angle_beta   90.00
_cell.angle_gamma   90.00
#
_symmetry.space_group_name_H-M   'P 21 21 21'
#
loop_
_entity.id
_entity.type
_entity.pdbx_description
1 polymer 'CYCLIN-DEPENDENT KINASE 2'
2 non-polymer GLYCEROL
3 non-polymer (2R)-1-[4-({4-[(2,5-DICHLOROPHENYL)AMINO]PYRIMIDIN-2-YL}AMINO)PHENOXY]-3-(DIMETHYLAMINO)PROPAN-2-OL
4 non-polymer (2S)-1-[4-({4-[(2,5-DICHLOROPHENYL)AMINO]PYRIMIDIN-2-YL}AMINO)PHENOXY]-3-(DIMETHYLAMINO)PROPAN-2-OL
5 water water
#
_entity_poly.entity_id   1
_entity_poly.type   'polypeptide(L)'
_entity_poly.pdbx_seq_one_letter_code
;MENFQKVEKIGEGTYGVVYKARNKLTGEVVAL(KCX)KIRLDTETEGVPSTAIREISLLKELNHPNIVKLLDVIHTENKL
YLVFEFLHQDLKKFMDASALTGIPLPLIKSYLFQLLQGLAFCHSHRVLHRDLKPQNLLINTEGAIKLADFGLARAFGVPV
RTYTHEVVTLWYRAPEILLGCKYYSTAVDIWSLGCIFAEMVTRRALFPGDSEIDQLFRIFRTLGTPDEVVWPGVTSMPDY
KPSFPKWARQDFSKVVPPLDEDGRSLLSQMLHYDPNKRISAKAALAHPFFQDVTKPVPHLRL
;
_entity_poly.pdbx_strand_id   A
#
# COMPACT_ATOMS: atom_id res chain seq x y z
N MET A 1 -14.18 -0.08 24.08
CA MET A 1 -15.45 0.52 23.60
C MET A 1 -16.18 1.23 24.73
N GLU A 2 -15.78 0.93 25.97
CA GLU A 2 -16.40 1.54 27.13
C GLU A 2 -15.83 2.93 27.39
N ASN A 3 -14.51 3.02 27.42
CA ASN A 3 -13.84 4.30 27.65
C ASN A 3 -13.60 5.03 26.34
N PHE A 4 -14.56 4.95 25.43
CA PHE A 4 -14.44 5.63 24.14
C PHE A 4 -15.68 6.41 23.77
N GLN A 5 -15.48 7.71 23.53
CA GLN A 5 -16.56 8.60 23.15
C GLN A 5 -16.42 8.88 21.66
N LYS A 6 -17.42 8.49 20.86
CA LYS A 6 -17.38 8.73 19.43
C LYS A 6 -17.52 10.21 19.11
N VAL A 7 -16.65 10.71 18.25
CA VAL A 7 -16.69 12.11 17.86
C VAL A 7 -17.39 12.22 16.51
N GLU A 8 -17.03 11.32 15.59
CA GLU A 8 -17.63 11.29 14.27
C GLU A 8 -17.14 10.10 13.47
N LYS A 9 -17.86 9.79 12.40
CA LYS A 9 -17.47 8.67 11.54
C LYS A 9 -16.41 9.21 10.57
N ILE A 10 -15.28 8.53 10.52
CA ILE A 10 -14.19 8.93 9.65
C ILE A 10 -14.35 8.33 8.26
N GLY A 11 -14.81 7.10 8.22
CA GLY A 11 -15.01 6.44 6.94
C GLY A 11 -15.22 4.95 7.09
N GLU A 12 -15.01 4.23 6.00
CA GLU A 12 -15.20 2.79 6.00
C GLU A 12 -13.95 2.09 5.50
N GLY A 13 -13.45 1.16 6.30
CA GLY A 13 -12.27 0.41 5.90
C GLY A 13 -12.67 -0.85 5.17
N THR A 14 -11.72 -1.76 4.98
CA THR A 14 -11.98 -3.01 4.30
C THR A 14 -12.81 -3.94 5.17
N TYR A 15 -12.53 -3.91 6.47
CA TYR A 15 -13.19 -4.79 7.43
C TYR A 15 -14.27 -4.18 8.31
N GLY A 16 -14.19 -2.89 8.57
CA GLY A 16 -15.19 -2.28 9.41
C GLY A 16 -15.18 -0.76 9.37
N VAL A 17 -16.18 -0.16 10.02
CA VAL A 17 -16.30 1.28 10.08
C VAL A 17 -15.23 1.85 10.99
N VAL A 18 -14.81 3.09 10.72
CA VAL A 18 -13.79 3.73 11.52
C VAL A 18 -14.31 5.06 12.04
N TYR A 19 -14.17 5.27 13.35
CA TYR A 19 -14.62 6.50 13.97
C TYR A 19 -13.44 7.24 14.61
N LYS A 20 -13.58 8.56 14.73
CA LYS A 20 -12.58 9.34 15.43
C LYS A 20 -13.22 9.28 16.82
N ALA A 21 -12.44 8.97 17.84
CA ALA A 21 -13.01 8.89 19.18
C ALA A 21 -12.05 9.39 20.24
N ARG A 22 -12.56 9.57 21.45
CA ARG A 22 -11.72 10.05 22.54
C ARG A 22 -11.77 9.08 23.72
N ASN A 23 -10.61 8.74 24.25
CA ASN A 23 -10.49 7.84 25.38
C ASN A 23 -11.09 8.52 26.61
N LYS A 24 -12.26 8.06 27.03
CA LYS A 24 -12.96 8.63 28.19
C LYS A 24 -12.15 8.69 29.47
N LEU A 25 -11.00 8.01 29.51
CA LEU A 25 -10.18 8.02 30.71
C LEU A 25 -8.87 8.80 30.54
N THR A 26 -8.24 8.67 29.39
CA THR A 26 -6.99 9.37 29.13
C THR A 26 -7.16 10.59 28.24
N GLY A 27 -8.37 10.80 27.73
CA GLY A 27 -8.64 11.93 26.87
C GLY A 27 -7.94 11.82 25.53
N GLU A 28 -7.22 10.72 25.34
CA GLU A 28 -6.49 10.47 24.10
C GLU A 28 -7.44 10.38 22.89
N VAL A 29 -7.08 11.07 21.82
CA VAL A 29 -7.88 11.05 20.59
C VAL A 29 -7.34 9.93 19.71
N VAL A 30 -8.23 9.07 19.24
CA VAL A 30 -7.80 7.93 18.43
C VAL A 30 -8.73 7.64 17.26
N ALA A 31 -8.32 6.66 16.45
CA ALA A 31 -9.11 6.21 15.32
C ALA A 31 -9.59 4.83 15.80
N LEU A 32 -10.89 4.66 15.91
CA LEU A 32 -11.44 3.39 16.40
C LEU A 32 -12.12 2.60 15.29
N LYS A 34 -14.18 -0.62 14.16
CA LYS A 34 -15.11 -1.59 14.72
C LYS A 34 -15.43 -2.67 13.69
N ILE A 35 -15.08 -3.91 13.99
CA ILE A 35 -15.32 -5.02 13.07
C ILE A 35 -16.37 -5.97 13.63
N ARG A 36 -17.45 -6.18 12.86
CA ARG A 36 -18.53 -7.06 13.28
C ARG A 36 -18.27 -8.52 12.89
N SER A 46 -9.78 -16.98 16.83
CA SER A 46 -8.71 -17.05 17.83
C SER A 46 -7.35 -16.82 17.20
N THR A 47 -7.13 -17.42 16.03
CA THR A 47 -5.86 -17.27 15.31
C THR A 47 -5.70 -15.84 14.83
N ALA A 48 -6.80 -15.23 14.39
CA ALA A 48 -6.78 -13.86 13.91
C ALA A 48 -6.48 -12.92 15.08
N ILE A 49 -7.07 -13.22 16.23
CA ILE A 49 -6.86 -12.39 17.42
C ILE A 49 -5.39 -12.42 17.85
N ARG A 50 -4.79 -13.60 17.89
CA ARG A 50 -3.39 -13.69 18.29
C ARG A 50 -2.52 -12.94 17.30
N GLU A 51 -2.77 -13.18 16.02
CA GLU A 51 -2.03 -12.54 14.93
C GLU A 51 -2.07 -11.01 15.05
N ILE A 52 -3.27 -10.47 15.23
CA ILE A 52 -3.45 -9.03 15.35
C ILE A 52 -2.84 -8.48 16.63
N SER A 53 -3.01 -9.22 17.73
CA SER A 53 -2.46 -8.78 19.00
C SER A 53 -0.94 -8.63 18.92
N LEU A 54 -0.30 -9.49 18.14
CA LEU A 54 1.15 -9.45 17.98
C LEU A 54 1.60 -8.17 17.28
N LEU A 55 0.67 -7.52 16.57
CA LEU A 55 0.99 -6.29 15.85
C LEU A 55 1.19 -5.11 16.79
N LYS A 56 0.78 -5.24 18.05
CA LYS A 56 0.96 -4.14 18.99
C LYS A 56 2.44 -3.86 19.27
N GLU A 57 3.31 -4.80 18.93
CA GLU A 57 4.74 -4.63 19.15
C GLU A 57 5.48 -4.18 17.90
N LEU A 58 4.78 -4.13 16.77
CA LEU A 58 5.38 -3.72 15.50
C LEU A 58 5.29 -2.20 15.38
N ASN A 59 6.11 -1.52 16.17
CA ASN A 59 6.13 -0.05 16.22
C ASN A 59 7.23 0.61 15.42
N HIS A 60 6.86 1.65 14.67
CA HIS A 60 7.79 2.42 13.85
C HIS A 60 7.16 3.77 13.51
N PRO A 61 7.96 4.84 13.41
CA PRO A 61 7.45 6.17 13.10
C PRO A 61 6.59 6.25 11.84
N ASN A 62 6.82 5.36 10.88
CA ASN A 62 6.05 5.39 9.65
C ASN A 62 4.98 4.31 9.53
N ILE A 63 4.59 3.76 10.68
CA ILE A 63 3.54 2.76 10.73
C ILE A 63 2.52 3.29 11.73
N VAL A 64 1.25 3.32 11.35
CA VAL A 64 0.21 3.81 12.26
C VAL A 64 0.19 2.86 13.46
N LYS A 65 0.43 3.43 14.64
CA LYS A 65 0.48 2.63 15.86
C LYS A 65 -0.85 1.97 16.23
N LEU A 66 -0.80 0.67 16.49
CA LEU A 66 -1.97 -0.06 16.93
C LEU A 66 -1.89 0.01 18.45
N LEU A 67 -2.71 0.88 19.03
CA LEU A 67 -2.71 1.07 20.49
C LEU A 67 -3.26 -0.12 21.24
N ASP A 68 -4.41 -0.62 20.84
CA ASP A 68 -5.02 -1.76 21.51
C ASP A 68 -5.94 -2.58 20.61
N VAL A 69 -6.25 -3.79 21.08
CA VAL A 69 -7.13 -4.71 20.39
C VAL A 69 -8.16 -5.12 21.44
N ILE A 70 -9.43 -4.84 21.16
CA ILE A 70 -10.48 -5.16 22.09
C ILE A 70 -11.53 -6.11 21.51
N HIS A 71 -11.51 -7.36 21.98
CA HIS A 71 -12.46 -8.35 21.52
C HIS A 71 -13.57 -8.48 22.56
N THR A 72 -14.76 -8.01 22.22
CA THR A 72 -15.89 -8.07 23.14
C THR A 72 -17.22 -8.04 22.40
N GLU A 73 -18.17 -8.86 22.87
CA GLU A 73 -19.50 -8.92 22.29
C GLU A 73 -19.53 -9.16 20.77
N ASN A 74 -18.91 -10.24 20.33
CA ASN A 74 -18.87 -10.58 18.90
C ASN A 74 -18.38 -9.45 18.02
N LYS A 75 -17.54 -8.59 18.57
CA LYS A 75 -17.00 -7.47 17.81
C LYS A 75 -15.52 -7.31 18.13
N LEU A 76 -14.75 -6.89 17.12
CA LEU A 76 -13.33 -6.69 17.30
C LEU A 76 -13.02 -5.21 17.10
N TYR A 77 -12.53 -4.58 18.16
CA TYR A 77 -12.19 -3.16 18.11
C TYR A 77 -10.69 -3.01 18.01
N LEU A 78 -10.23 -2.23 17.04
CA LEU A 78 -8.81 -1.99 16.89
C LEU A 78 -8.63 -0.51 17.14
N VAL A 79 -7.82 -0.16 18.13
CA VAL A 79 -7.58 1.24 18.48
C VAL A 79 -6.28 1.71 17.87
N PHE A 80 -6.37 2.70 16.99
CA PHE A 80 -5.21 3.24 16.28
C PHE A 80 -4.88 4.69 16.62
N GLU A 81 -3.61 5.03 16.47
CA GLU A 81 -3.16 6.40 16.67
C GLU A 81 -3.94 7.13 15.57
N PHE A 82 -4.44 8.33 15.85
CA PHE A 82 -5.22 9.10 14.89
C PHE A 82 -4.40 10.01 13.98
N LEU A 83 -4.68 9.94 12.68
CA LEU A 83 -4.03 10.82 11.72
C LEU A 83 -5.19 11.60 11.09
N HIS A 84 -4.97 12.86 10.74
CA HIS A 84 -6.06 13.68 10.22
C HIS A 84 -6.52 13.48 8.78
N GLN A 85 -5.71 12.84 7.95
CA GLN A 85 -6.14 12.58 6.57
C GLN A 85 -5.43 11.44 5.86
N ASP A 86 -6.01 10.98 4.75
CA ASP A 86 -5.37 9.94 3.97
C ASP A 86 -4.73 10.55 2.73
N LEU A 87 -3.85 9.80 2.08
CA LEU A 87 -3.16 10.28 0.88
C LEU A 87 -4.13 10.49 -0.29
N LYS A 88 -5.18 9.67 -0.34
CA LYS A 88 -6.15 9.77 -1.42
C LYS A 88 -6.74 11.18 -1.51
N LYS A 89 -7.17 11.70 -0.37
CA LYS A 89 -7.75 13.05 -0.31
C LYS A 89 -6.75 14.10 -0.76
N PHE A 90 -5.49 13.93 -0.36
CA PHE A 90 -4.43 14.87 -0.73
C PHE A 90 -4.15 14.82 -2.24
N MET A 91 -4.14 13.63 -2.81
CA MET A 91 -3.90 13.48 -4.23
C MET A 91 -5.03 14.15 -5.03
N ASP A 92 -6.27 13.97 -4.56
CA ASP A 92 -7.40 14.58 -5.26
C ASP A 92 -7.36 16.09 -5.15
N ALA A 93 -6.96 16.59 -3.99
CA ALA A 93 -6.87 18.04 -3.77
C ALA A 93 -5.73 18.65 -4.58
N SER A 94 -4.77 17.81 -4.97
CA SER A 94 -3.62 18.28 -5.74
C SER A 94 -3.74 17.92 -7.22
N ALA A 95 -4.94 17.55 -7.65
CA ALA A 95 -5.17 17.15 -9.04
C ALA A 95 -4.81 18.21 -10.10
N LEU A 96 -5.03 19.48 -9.77
CA LEU A 96 -4.75 20.55 -10.72
C LEU A 96 -3.30 21.02 -10.74
N THR A 97 -2.66 21.01 -9.59
CA THR A 97 -1.28 21.46 -9.49
C THR A 97 -0.27 20.33 -9.32
N GLY A 98 -0.68 19.25 -8.68
CA GLY A 98 0.21 18.12 -8.47
C GLY A 98 1.06 18.27 -7.23
N ILE A 99 1.35 17.16 -6.57
CA ILE A 99 2.18 17.15 -5.36
C ILE A 99 3.62 17.46 -5.75
N PRO A 100 4.23 18.48 -5.12
CA PRO A 100 5.62 18.83 -5.45
C PRO A 100 6.52 17.60 -5.38
N LEU A 101 7.43 17.49 -6.35
CA LEU A 101 8.35 16.34 -6.38
C LEU A 101 9.08 16.11 -5.06
N PRO A 102 9.59 17.18 -4.43
CA PRO A 102 10.30 16.98 -3.15
C PRO A 102 9.44 16.29 -2.10
N LEU A 103 8.14 16.60 -2.10
CA LEU A 103 7.24 15.98 -1.13
C LEU A 103 6.96 14.53 -1.54
N ILE A 104 6.85 14.30 -2.85
CA ILE A 104 6.62 12.94 -3.33
C ILE A 104 7.81 12.08 -2.91
N LYS A 105 9.01 12.62 -3.07
CA LYS A 105 10.22 11.90 -2.72
C LYS A 105 10.27 11.63 -1.21
N SER A 106 9.86 12.62 -0.41
CA SER A 106 9.85 12.46 1.04
C SER A 106 8.88 11.36 1.45
N TYR A 107 7.68 11.39 0.88
CA TYR A 107 6.68 10.38 1.20
C TYR A 107 7.17 8.98 0.81
N LEU A 108 7.72 8.84 -0.39
CA LEU A 108 8.21 7.54 -0.84
C LEU A 108 9.32 7.05 0.09
N PHE A 109 10.21 7.96 0.44
CA PHE A 109 11.33 7.66 1.34
C PHE A 109 10.82 7.13 2.68
N GLN A 110 9.83 7.81 3.25
CA GLN A 110 9.27 7.40 4.54
C GLN A 110 8.49 6.08 4.44
N LEU A 111 7.73 5.91 3.36
CA LEU A 111 6.96 4.68 3.20
C LEU A 111 7.89 3.48 3.07
N LEU A 112 9.01 3.68 2.39
CA LEU A 112 9.99 2.61 2.23
C LEU A 112 10.60 2.23 3.58
N GLN A 113 10.75 3.23 4.46
CA GLN A 113 11.29 2.96 5.79
C GLN A 113 10.29 2.11 6.57
N GLY A 114 9.01 2.41 6.39
CA GLY A 114 7.98 1.65 7.07
C GLY A 114 7.95 0.22 6.56
N LEU A 115 8.06 0.05 5.25
CA LEU A 115 8.07 -1.29 4.67
C LEU A 115 9.31 -2.05 5.12
N ALA A 116 10.46 -1.38 5.10
CA ALA A 116 11.71 -2.03 5.51
C ALA A 116 11.61 -2.57 6.94
N PHE A 117 10.97 -1.82 7.82
CA PHE A 117 10.82 -2.23 9.20
C PHE A 117 9.91 -3.47 9.29
N CYS A 118 8.71 -3.38 8.75
CA CYS A 118 7.79 -4.50 8.82
C CYS A 118 8.34 -5.74 8.14
N HIS A 119 8.93 -5.57 6.96
CA HIS A 119 9.48 -6.70 6.24
C HIS A 119 10.62 -7.36 7.02
N SER A 120 11.36 -6.58 7.80
CA SER A 120 12.46 -7.15 8.59
C SER A 120 11.90 -8.10 9.65
N HIS A 121 10.64 -7.91 10.01
CA HIS A 121 9.98 -8.77 11.00
C HIS A 121 9.07 -9.78 10.30
N ARG A 122 9.26 -9.92 9.00
CA ARG A 122 8.48 -10.86 8.19
C ARG A 122 6.98 -10.56 8.14
N VAL A 123 6.62 -9.29 8.29
CA VAL A 123 5.21 -8.90 8.23
C VAL A 123 4.98 -8.07 6.97
N LEU A 124 3.96 -8.42 6.20
CA LEU A 124 3.68 -7.67 4.99
C LEU A 124 2.30 -7.03 5.08
N HIS A 125 2.06 -6.05 4.23
CA HIS A 125 0.76 -5.39 4.25
C HIS A 125 -0.18 -6.14 3.30
N ARG A 126 0.22 -6.21 2.03
CA ARG A 126 -0.50 -6.92 0.98
C ARG A 126 -1.62 -6.16 0.28
N ASP A 127 -2.09 -5.06 0.87
CA ASP A 127 -3.15 -4.30 0.23
C ASP A 127 -2.93 -2.79 0.37
N LEU A 128 -1.72 -2.35 0.03
CA LEU A 128 -1.41 -0.93 0.12
C LEU A 128 -2.19 -0.15 -0.94
N LYS A 129 -2.69 1.01 -0.55
CA LYS A 129 -3.44 1.86 -1.47
C LYS A 129 -3.49 3.26 -0.85
N PRO A 130 -3.83 4.28 -1.66
CA PRO A 130 -3.89 5.65 -1.12
C PRO A 130 -4.80 5.78 0.11
N GLN A 131 -5.85 4.98 0.18
CA GLN A 131 -6.75 5.03 1.31
C GLN A 131 -6.18 4.55 2.64
N ASN A 132 -5.06 3.83 2.63
CA ASN A 132 -4.48 3.41 3.90
C ASN A 132 -3.08 3.97 4.15
N LEU A 133 -2.79 5.07 3.47
CA LEU A 133 -1.53 5.80 3.63
C LEU A 133 -2.03 7.11 4.24
N LEU A 134 -1.63 7.37 5.47
CA LEU A 134 -2.11 8.56 6.18
C LEU A 134 -1.03 9.61 6.41
N ILE A 135 -1.44 10.88 6.38
CA ILE A 135 -0.50 11.97 6.55
C ILE A 135 -0.92 12.98 7.60
N ASN A 136 0.05 13.71 8.16
CA ASN A 136 -0.22 14.76 9.13
C ASN A 136 0.26 16.10 8.56
N THR A 137 0.08 17.18 9.32
CA THR A 137 0.49 18.50 8.86
C THR A 137 2.00 18.75 8.97
N GLU A 138 2.71 17.81 9.58
CA GLU A 138 4.15 17.93 9.76
C GLU A 138 4.97 17.49 8.55
N GLY A 139 4.37 16.66 7.71
CA GLY A 139 5.08 16.17 6.54
C GLY A 139 5.38 14.69 6.67
N ALA A 140 4.82 14.07 7.69
CA ALA A 140 5.01 12.64 7.88
C ALA A 140 3.91 11.89 7.16
N ILE A 141 4.20 10.64 6.79
CA ILE A 141 3.22 9.78 6.15
C ILE A 141 3.42 8.43 6.81
N LYS A 142 2.33 7.71 7.06
CA LYS A 142 2.40 6.41 7.72
C LYS A 142 1.48 5.39 7.07
N LEU A 143 1.88 4.13 7.15
CA LEU A 143 1.10 3.03 6.58
C LEU A 143 0.13 2.48 7.62
N ALA A 144 -1.14 2.35 7.23
CA ALA A 144 -2.15 1.83 8.14
C ALA A 144 -2.63 0.45 7.71
N ASP A 145 -3.15 -0.31 8.66
CA ASP A 145 -3.67 -1.66 8.42
C ASP A 145 -2.60 -2.70 8.11
N PHE A 146 -1.35 -2.40 8.46
CA PHE A 146 -0.29 -3.35 8.19
C PHE A 146 -0.57 -4.64 8.98
N GLY A 147 -0.43 -5.78 8.31
CA GLY A 147 -0.64 -7.06 8.95
C GLY A 147 -2.06 -7.61 9.05
N LEU A 148 -3.06 -6.78 8.77
CA LEU A 148 -4.45 -7.25 8.86
C LEU A 148 -4.80 -8.27 7.77
N ALA A 149 -4.14 -8.19 6.62
CA ALA A 149 -4.41 -9.11 5.52
C ALA A 149 -4.04 -10.54 5.90
N ARG A 150 -2.95 -10.72 6.62
CA ARG A 150 -2.52 -12.04 7.04
C ARG A 150 -3.56 -12.66 7.98
N ALA A 151 -4.11 -11.84 8.85
CA ALA A 151 -5.10 -12.30 9.82
C ALA A 151 -6.50 -12.52 9.26
N PHE A 152 -6.96 -11.61 8.40
CA PHE A 152 -8.31 -11.70 7.84
C PHE A 152 -8.39 -12.06 6.37
N GLY A 153 -7.28 -11.89 5.65
CA GLY A 153 -7.29 -12.15 4.22
C GLY A 153 -7.76 -10.88 3.54
N VAL A 154 -7.63 -10.82 2.22
CA VAL A 154 -8.08 -9.65 1.48
C VAL A 154 -9.30 -10.10 0.68
N PRO A 155 -10.50 -9.63 1.06
CA PRO A 155 -11.74 -10.00 0.38
C PRO A 155 -11.93 -9.34 -0.97
N VAL A 156 -12.87 -9.87 -1.75
CA VAL A 156 -13.18 -9.34 -3.07
C VAL A 156 -13.94 -8.04 -2.85
N ARG A 157 -14.80 -8.02 -1.82
CA ARG A 157 -15.60 -6.85 -1.49
C ARG A 157 -15.39 -6.53 -0.01
N THR A 158 -15.53 -5.25 0.35
CA THR A 158 -15.36 -4.83 1.74
C THR A 158 -16.65 -5.15 2.50
N TYR A 159 -16.66 -4.86 3.81
CA TYR A 159 -17.83 -5.15 4.62
C TYR A 159 -19.07 -4.37 4.16
N THR A 160 -18.88 -3.34 3.35
CA THR A 160 -19.99 -2.54 2.84
C THR A 160 -20.30 -2.91 1.38
N HIS A 161 -19.66 -3.98 0.91
CA HIS A 161 -19.84 -4.50 -0.46
C HIS A 161 -19.08 -3.71 -1.53
N GLU A 162 -18.26 -2.76 -1.10
CA GLU A 162 -17.48 -1.97 -2.05
C GLU A 162 -16.41 -2.88 -2.65
N VAL A 163 -16.09 -2.67 -3.92
CA VAL A 163 -15.07 -3.49 -4.58
C VAL A 163 -13.69 -3.14 -4.05
N VAL A 164 -12.95 -4.15 -3.62
CA VAL A 164 -11.59 -3.94 -3.14
C VAL A 164 -10.77 -3.73 -4.41
N THR A 165 -10.11 -2.58 -4.50
CA THR A 165 -9.33 -2.25 -5.68
C THR A 165 -8.21 -3.23 -6.04
N LEU A 166 -8.01 -3.43 -7.34
CA LEU A 166 -6.98 -4.32 -7.85
C LEU A 166 -5.82 -3.52 -8.41
N TRP A 167 -6.00 -2.20 -8.49
CA TRP A 167 -5.01 -1.30 -9.08
C TRP A 167 -3.56 -1.43 -8.61
N TYR A 168 -3.37 -1.79 -7.35
CA TYR A 168 -2.02 -1.89 -6.79
C TYR A 168 -1.57 -3.32 -6.55
N ARG A 169 -2.33 -4.29 -7.06
CA ARG A 169 -2.01 -5.70 -6.86
C ARG A 169 -0.87 -6.22 -7.72
N ALA A 170 0.11 -6.87 -7.08
CA ALA A 170 1.27 -7.41 -7.77
C ALA A 170 0.87 -8.52 -8.76
N PRO A 171 1.61 -8.65 -9.85
CA PRO A 171 1.28 -9.69 -10.85
C PRO A 171 1.31 -11.12 -10.34
N GLU A 172 2.22 -11.44 -9.43
CA GLU A 172 2.29 -12.81 -8.93
C GLU A 172 1.01 -13.20 -8.19
N ILE A 173 0.33 -12.22 -7.61
CA ILE A 173 -0.92 -12.51 -6.90
C ILE A 173 -2.01 -12.75 -7.94
N LEU A 174 -2.04 -11.90 -8.97
CA LEU A 174 -3.03 -12.03 -10.04
C LEU A 174 -2.83 -13.33 -10.82
N LEU A 175 -1.60 -13.82 -10.88
CA LEU A 175 -1.33 -15.06 -11.62
C LEU A 175 -1.51 -16.31 -10.77
N GLY A 176 -2.00 -16.13 -9.55
CA GLY A 176 -2.26 -17.27 -8.68
C GLY A 176 -1.20 -17.79 -7.73
N CYS A 177 -0.13 -17.03 -7.50
CA CYS A 177 0.90 -17.49 -6.58
C CYS A 177 0.30 -17.55 -5.18
N LYS A 178 0.47 -18.67 -4.49
CA LYS A 178 -0.08 -18.83 -3.14
C LYS A 178 0.80 -18.25 -2.04
N TYR A 179 2.11 -18.30 -2.26
N TYR A 179 2.12 -18.20 -2.28
CA TYR A 179 3.03 -17.78 -1.27
CA TYR A 179 3.06 -17.67 -1.30
C TYR A 179 3.64 -16.50 -1.79
C TYR A 179 3.58 -16.27 -1.66
N TYR A 180 3.03 -15.37 -1.44
N TYR A 180 2.90 -15.23 -1.17
CA TYR A 180 3.60 -14.12 -1.88
CA TYR A 180 3.28 -13.84 -1.45
C TYR A 180 4.70 -13.77 -0.90
C TYR A 180 4.50 -13.42 -0.64
N SER A 181 5.50 -12.80 -1.29
CA SER A 181 6.64 -12.35 -0.52
C SER A 181 6.51 -10.86 -0.25
N THR A 182 7.46 -10.31 0.48
CA THR A 182 7.47 -8.89 0.81
C THR A 182 7.46 -8.05 -0.46
N ALA A 183 7.87 -8.65 -1.57
CA ALA A 183 7.91 -7.95 -2.85
C ALA A 183 6.54 -7.42 -3.26
N VAL A 184 5.47 -8.05 -2.80
CA VAL A 184 4.14 -7.59 -3.18
C VAL A 184 3.88 -6.15 -2.76
N ASP A 185 4.45 -5.73 -1.64
CA ASP A 185 4.26 -4.36 -1.15
C ASP A 185 5.10 -3.36 -1.94
N ILE A 186 6.27 -3.80 -2.40
CA ILE A 186 7.14 -2.92 -3.19
C ILE A 186 6.41 -2.59 -4.50
N TRP A 187 5.76 -3.60 -5.07
CA TRP A 187 5.01 -3.38 -6.31
C TRP A 187 3.92 -2.33 -6.08
N SER A 188 3.12 -2.52 -5.04
CA SER A 188 2.04 -1.59 -4.74
C SER A 188 2.53 -0.16 -4.54
N LEU A 189 3.63 -0.01 -3.80
CA LEU A 189 4.19 1.30 -3.53
C LEU A 189 4.70 1.94 -4.81
N GLY A 190 5.22 1.12 -5.72
CA GLY A 190 5.70 1.66 -6.98
C GLY A 190 4.53 2.22 -7.78
N CYS A 191 3.40 1.52 -7.76
CA CYS A 191 2.22 1.99 -8.48
C CYS A 191 1.72 3.30 -7.87
N ILE A 192 1.81 3.40 -6.55
CA ILE A 192 1.36 4.61 -5.87
C ILE A 192 2.31 5.77 -6.17
N PHE A 193 3.60 5.45 -6.26
CA PHE A 193 4.64 6.43 -6.59
C PHE A 193 4.31 7.04 -7.96
N ALA A 194 4.06 6.17 -8.94
CA ALA A 194 3.73 6.63 -10.29
C ALA A 194 2.49 7.50 -10.30
N GLU A 195 1.50 7.10 -9.52
CA GLU A 195 0.24 7.84 -9.44
C GLU A 195 0.43 9.24 -8.87
N MET A 196 1.29 9.38 -7.87
CA MET A 196 1.54 10.69 -7.29
C MET A 196 2.20 11.59 -8.31
N VAL A 197 3.12 11.02 -9.08
CA VAL A 197 3.85 11.76 -10.09
C VAL A 197 3.02 12.22 -11.30
N THR A 198 2.23 11.31 -11.86
CA THR A 198 1.44 11.62 -13.05
C THR A 198 0.02 12.12 -12.78
N ARG A 199 -0.44 11.96 -11.55
CA ARG A 199 -1.77 12.39 -11.15
C ARG A 199 -2.85 11.54 -11.80
N ARG A 200 -2.51 10.28 -12.03
CA ARG A 200 -3.43 9.31 -12.61
C ARG A 200 -2.96 7.91 -12.25
N ALA A 201 -3.89 7.02 -11.95
CA ALA A 201 -3.55 5.65 -11.59
C ALA A 201 -2.73 5.05 -12.71
N LEU A 202 -1.74 4.23 -12.37
CA LEU A 202 -0.88 3.61 -13.36
C LEU A 202 -1.61 2.49 -14.10
N PHE A 203 -2.22 1.58 -13.34
CA PHE A 203 -2.94 0.43 -13.87
C PHE A 203 -4.34 0.36 -13.25
N PRO A 204 -5.28 1.20 -13.72
CA PRO A 204 -6.64 1.18 -13.17
C PRO A 204 -7.54 0.07 -13.70
N GLY A 205 -7.18 -1.18 -13.41
CA GLY A 205 -7.98 -2.31 -13.88
C GLY A 205 -9.33 -2.44 -13.20
N ASP A 206 -10.31 -3.00 -13.91
CA ASP A 206 -11.64 -3.17 -13.33
C ASP A 206 -12.09 -4.62 -13.25
N SER A 207 -11.12 -5.51 -13.33
CA SER A 207 -11.31 -6.95 -13.23
C SER A 207 -9.91 -7.53 -13.16
N GLU A 208 -9.76 -8.78 -12.73
CA GLU A 208 -8.42 -9.34 -12.66
C GLU A 208 -7.71 -9.41 -14.00
N ILE A 209 -8.44 -9.79 -15.05
CA ILE A 209 -7.81 -9.88 -16.37
C ILE A 209 -7.52 -8.49 -16.94
N ASP A 210 -8.38 -7.52 -16.64
CA ASP A 210 -8.14 -6.15 -17.13
C ASP A 210 -6.90 -5.61 -16.44
N GLN A 211 -6.79 -5.92 -15.15
CA GLN A 211 -5.63 -5.48 -14.36
C GLN A 211 -4.37 -6.08 -14.95
N LEU A 212 -4.40 -7.39 -15.17
CA LEU A 212 -3.25 -8.09 -15.72
C LEU A 212 -2.87 -7.57 -17.11
N PHE A 213 -3.85 -7.37 -17.99
CA PHE A 213 -3.54 -6.89 -19.32
C PHE A 213 -3.05 -5.44 -19.34
N ARG A 214 -3.51 -4.63 -18.41
CA ARG A 214 -3.04 -3.25 -18.36
C ARG A 214 -1.55 -3.29 -17.99
N ILE A 215 -1.20 -4.16 -17.06
CA ILE A 215 0.19 -4.31 -16.64
C ILE A 215 1.03 -4.78 -17.83
N PHE A 216 0.51 -5.78 -18.54
CA PHE A 216 1.20 -6.35 -19.71
C PHE A 216 1.41 -5.33 -20.82
N ARG A 217 0.42 -4.49 -21.08
CA ARG A 217 0.51 -3.51 -22.15
C ARG A 217 1.58 -2.44 -21.91
N THR A 218 1.86 -2.17 -20.65
CA THR A 218 2.85 -1.17 -20.29
C THR A 218 4.23 -1.78 -20.09
N LEU A 219 4.30 -2.85 -19.31
CA LEU A 219 5.57 -3.49 -19.01
C LEU A 219 5.95 -4.62 -19.94
N GLY A 220 5.03 -4.98 -20.83
CA GLY A 220 5.29 -6.08 -21.75
C GLY A 220 4.78 -7.38 -21.15
N THR A 221 4.25 -8.27 -21.98
CA THR A 221 3.76 -9.56 -21.49
C THR A 221 4.95 -10.35 -20.96
N PRO A 222 4.90 -10.78 -19.70
CA PRO A 222 6.02 -11.54 -19.13
C PRO A 222 6.20 -12.93 -19.73
N ASP A 223 7.46 -13.35 -19.83
CA ASP A 223 7.82 -14.66 -20.34
C ASP A 223 8.93 -15.23 -19.49
N GLU A 224 9.40 -16.43 -19.84
CA GLU A 224 10.46 -17.09 -19.09
C GLU A 224 11.77 -16.31 -19.06
N VAL A 225 11.98 -15.44 -20.05
CA VAL A 225 13.21 -14.65 -20.12
C VAL A 225 13.32 -13.72 -18.90
N VAL A 226 12.28 -12.92 -18.69
CA VAL A 226 12.28 -11.96 -17.59
C VAL A 226 11.75 -12.51 -16.27
N TRP A 227 10.97 -13.58 -16.34
CA TRP A 227 10.40 -14.14 -15.12
C TRP A 227 10.39 -15.68 -15.16
N PRO A 228 11.50 -16.31 -14.75
CA PRO A 228 11.56 -17.77 -14.75
C PRO A 228 10.44 -18.40 -13.96
N GLY A 229 9.74 -19.33 -14.60
CA GLY A 229 8.64 -20.01 -13.96
C GLY A 229 7.27 -19.36 -14.14
N VAL A 230 7.21 -18.21 -14.79
CA VAL A 230 5.93 -17.53 -14.96
C VAL A 230 4.91 -18.34 -15.76
N THR A 231 5.35 -19.06 -16.79
CA THR A 231 4.43 -19.82 -17.60
C THR A 231 3.83 -21.04 -16.89
N SER A 232 4.33 -21.34 -15.69
CA SER A 232 3.82 -22.47 -14.93
C SER A 232 2.93 -22.04 -13.77
N MET A 233 2.69 -20.73 -13.66
CA MET A 233 1.85 -20.24 -12.58
C MET A 233 0.40 -20.66 -12.80
N PRO A 234 -0.35 -20.90 -11.71
CA PRO A 234 -1.74 -21.33 -11.74
C PRO A 234 -2.67 -20.65 -12.75
N ASP A 235 -2.66 -19.32 -12.79
CA ASP A 235 -3.55 -18.60 -13.69
C ASP A 235 -2.91 -18.09 -14.97
N TYR A 236 -1.70 -18.55 -15.27
CA TYR A 236 -1.05 -18.11 -16.50
C TYR A 236 -1.68 -18.89 -17.66
N LYS A 237 -1.91 -18.20 -18.77
CA LYS A 237 -2.49 -18.83 -19.95
C LYS A 237 -1.62 -18.51 -21.17
N PRO A 238 -1.23 -19.55 -21.93
CA PRO A 238 -0.40 -19.36 -23.12
C PRO A 238 -1.08 -18.44 -24.13
N SER A 239 -2.41 -18.30 -24.02
CA SER A 239 -3.18 -17.46 -24.93
C SER A 239 -3.15 -15.97 -24.58
N PHE A 240 -2.40 -15.58 -23.55
CA PHE A 240 -2.30 -14.17 -23.20
C PHE A 240 -1.71 -13.42 -24.40
N PRO A 241 -2.28 -12.26 -24.75
CA PRO A 241 -1.72 -11.54 -25.90
C PRO A 241 -0.28 -11.12 -25.56
N LYS A 242 0.56 -11.02 -26.57
CA LYS A 242 1.95 -10.64 -26.35
C LYS A 242 2.20 -9.19 -26.72
N TRP A 243 2.28 -8.34 -25.70
CA TRP A 243 2.51 -6.92 -25.88
C TRP A 243 3.98 -6.57 -25.62
N ALA A 244 4.46 -5.56 -26.32
CA ALA A 244 5.84 -5.11 -26.16
C ALA A 244 5.93 -4.10 -25.03
N ARG A 245 7.06 -4.10 -24.34
CA ARG A 245 7.29 -3.18 -23.23
C ARG A 245 7.43 -1.74 -23.71
N GLN A 246 6.90 -0.80 -22.93
CA GLN A 246 6.97 0.62 -23.27
C GLN A 246 8.12 1.28 -22.50
N ASP A 247 8.65 2.36 -23.05
CA ASP A 247 9.74 3.08 -22.38
C ASP A 247 9.14 3.82 -21.20
N PHE A 248 9.80 3.74 -20.04
CA PHE A 248 9.30 4.44 -18.86
C PHE A 248 9.25 5.95 -19.06
N SER A 249 10.03 6.45 -20.01
CA SER A 249 10.05 7.88 -20.28
C SER A 249 8.63 8.33 -20.62
N LYS A 250 7.85 7.41 -21.17
CA LYS A 250 6.47 7.69 -21.56
C LYS A 250 5.49 7.39 -20.42
N VAL A 251 5.88 6.45 -19.55
CA VAL A 251 5.02 6.05 -18.43
C VAL A 251 4.89 7.06 -17.30
N VAL A 252 6.00 7.66 -16.88
CA VAL A 252 5.93 8.62 -15.80
C VAL A 252 6.64 9.96 -16.01
N PRO A 253 6.37 10.65 -17.13
CA PRO A 253 7.05 11.93 -17.28
C PRO A 253 6.37 12.90 -16.31
N PRO A 254 7.08 13.92 -15.83
CA PRO A 254 8.48 14.26 -16.08
C PRO A 254 9.46 13.78 -15.00
N LEU A 255 9.27 12.56 -14.51
CA LEU A 255 10.18 12.04 -13.49
C LEU A 255 11.58 11.92 -14.08
N ASP A 256 12.59 12.30 -13.31
CA ASP A 256 13.98 12.22 -13.77
C ASP A 256 14.47 10.77 -13.86
N GLU A 257 15.68 10.59 -14.40
CA GLU A 257 16.24 9.25 -14.56
C GLU A 257 16.44 8.46 -13.28
N ASP A 258 16.77 9.14 -12.18
CA ASP A 258 16.95 8.42 -10.92
C ASP A 258 15.60 7.86 -10.48
N GLY A 259 14.55 8.66 -10.66
CA GLY A 259 13.22 8.22 -10.29
C GLY A 259 12.72 7.10 -11.18
N ARG A 260 12.97 7.21 -12.48
CA ARG A 260 12.53 6.18 -13.42
C ARG A 260 13.28 4.88 -13.14
N SER A 261 14.56 5.00 -12.81
CA SER A 261 15.37 3.84 -12.51
C SER A 261 14.79 3.10 -11.31
N LEU A 262 14.49 3.85 -10.25
CA LEU A 262 13.93 3.25 -9.05
C LEU A 262 12.57 2.61 -9.31
N LEU A 263 11.70 3.35 -9.99
CA LEU A 263 10.37 2.82 -10.28
C LEU A 263 10.46 1.53 -11.08
N SER A 264 11.33 1.51 -12.08
CA SER A 264 11.48 0.32 -12.92
C SER A 264 11.86 -0.91 -12.08
N GLN A 265 12.73 -0.72 -11.10
CA GLN A 265 13.17 -1.80 -10.25
C GLN A 265 12.07 -2.20 -9.27
N MET A 266 11.19 -1.27 -8.94
CA MET A 266 10.08 -1.57 -8.03
C MET A 266 8.99 -2.32 -8.80
N LEU A 267 9.03 -2.24 -10.12
CA LEU A 267 8.03 -2.90 -10.96
C LEU A 267 8.57 -4.09 -11.75
N HIS A 268 9.69 -4.66 -11.31
CA HIS A 268 10.23 -5.83 -12.00
C HIS A 268 9.20 -6.95 -11.82
N TYR A 269 9.00 -7.74 -12.86
CA TYR A 269 8.04 -8.85 -12.81
C TYR A 269 8.44 -9.92 -11.80
N ASP A 270 9.69 -10.35 -11.88
CA ASP A 270 10.20 -11.39 -10.99
C ASP A 270 10.31 -10.87 -9.56
N PRO A 271 9.52 -11.42 -8.63
CA PRO A 271 9.55 -10.99 -7.22
C PRO A 271 10.97 -11.06 -6.67
N ASN A 272 11.78 -11.93 -7.25
CA ASN A 272 13.18 -12.08 -6.83
C ASN A 272 14.07 -10.96 -7.31
N LYS A 273 13.73 -10.39 -8.45
CA LYS A 273 14.53 -9.30 -9.01
C LYS A 273 14.03 -7.96 -8.47
N ARG A 274 12.77 -7.90 -8.07
CA ARG A 274 12.19 -6.66 -7.57
C ARG A 274 13.03 -6.14 -6.39
N ILE A 275 13.35 -4.85 -6.42
CA ILE A 275 14.16 -4.24 -5.38
C ILE A 275 13.51 -4.30 -4.01
N SER A 276 14.31 -4.51 -2.97
CA SER A 276 13.78 -4.57 -1.61
C SER A 276 13.64 -3.15 -1.07
N ALA A 277 12.85 -2.99 -0.01
CA ALA A 277 12.67 -1.67 0.57
C ALA A 277 14.01 -1.13 1.05
N LYS A 278 14.82 -1.99 1.66
CA LYS A 278 16.14 -1.59 2.16
C LYS A 278 17.05 -1.12 1.04
N ALA A 279 17.07 -1.85 -0.07
CA ALA A 279 17.91 -1.49 -1.21
C ALA A 279 17.39 -0.20 -1.84
N ALA A 280 16.07 -0.04 -1.85
CA ALA A 280 15.47 1.16 -2.43
C ALA A 280 15.88 2.39 -1.64
N LEU A 281 15.94 2.27 -0.32
CA LEU A 281 16.33 3.41 0.52
C LEU A 281 17.73 3.92 0.18
N ALA A 282 18.58 3.04 -0.34
CA ALA A 282 19.94 3.41 -0.70
C ALA A 282 20.08 3.90 -2.13
N HIS A 283 18.97 3.88 -2.87
CA HIS A 283 18.98 4.30 -4.27
C HIS A 283 19.32 5.78 -4.42
N PRO A 284 20.07 6.14 -5.47
CA PRO A 284 20.48 7.52 -5.75
C PRO A 284 19.34 8.54 -5.77
N PHE A 285 18.12 8.09 -6.04
CA PHE A 285 16.97 8.99 -6.09
C PHE A 285 16.80 9.74 -4.76
N PHE A 286 17.25 9.14 -3.66
CA PHE A 286 17.10 9.76 -2.34
C PHE A 286 18.27 10.54 -1.82
N GLN A 287 19.20 10.80 -2.71
CA GLN A 287 20.37 11.54 -2.29
C GLN A 287 20.08 12.95 -1.82
N ASP A 288 19.07 13.54 -2.41
CA ASP A 288 18.78 14.87 -1.98
C ASP A 288 17.42 14.92 -1.30
N VAL A 289 17.00 13.82 -0.68
CA VAL A 289 15.70 13.79 -0.02
C VAL A 289 15.65 14.77 1.14
N THR A 290 14.48 15.41 1.29
CA THR A 290 14.26 16.37 2.36
C THR A 290 12.89 16.08 2.96
N LYS A 291 12.49 16.86 3.96
CA LYS A 291 11.18 16.64 4.57
C LYS A 291 10.35 17.93 4.54
N PRO A 292 9.69 18.20 3.41
CA PRO A 292 8.87 19.40 3.25
C PRO A 292 7.59 19.34 4.07
N VAL A 293 7.04 20.50 4.40
CA VAL A 293 5.77 20.58 5.13
C VAL A 293 4.71 20.71 4.04
N PRO A 294 3.76 19.77 4.00
CA PRO A 294 2.69 19.77 2.98
C PRO A 294 1.69 20.91 3.06
N HIS A 295 1.32 21.42 1.90
CA HIS A 295 0.33 22.48 1.81
C HIS A 295 -1.02 21.80 1.54
N LEU A 296 -1.70 21.43 2.62
CA LEU A 296 -3.01 20.76 2.60
C LEU A 296 -2.83 19.29 2.97
#